data_5JDE
#
_entry.id   5JDE
#
_cell.length_a   37.725
_cell.length_b   42.397
_cell.length_c   83.529
_cell.angle_alpha   85.18
_cell.angle_beta   79.76
_cell.angle_gamma   87.05
#
_symmetry.space_group_name_H-M   'P 1'
#
loop_
_entity.id
_entity.type
_entity.pdbx_description
1 polymer Titin
2 water water
#
_entity_poly.entity_id   1
_entity_poly.type   'polypeptide(L)'
_entity_poly.pdbx_seq_one_letter_code
;GAMVKIIKKPKDVTALENATVAFEVSVSHDTVPVKWFHKSVEIKPSDKHRLVSERKVHKLMLQNISPSDAGEYTAVVGQL
ECKAKLFVETLHITKTMKNIEVPETKTASFECEVSHFNVPSMWLKNGVEIEMSEKFKIVVQGKLHQLIIMNTSTEDSAEY
TFVCGNDQVSATLTVTPIMITSMLKDINAEEKDTITFEVTVNYEGISYKWLKNGVEIKSTDKCQMRTKKLTHSLNIRNVH
FGDAADYTFVAGKATSTATLYVVEA
;
_entity_poly.pdbx_strand_id   A,B
#
# COMPACT_ATOMS: atom_id res chain seq x y z
N VAL A 4 0.75 -60.11 -23.45
CA VAL A 4 0.29 -58.81 -23.93
C VAL A 4 1.36 -57.74 -23.77
N LYS A 5 1.42 -56.82 -24.73
CA LYS A 5 2.49 -55.83 -24.79
C LYS A 5 1.93 -54.43 -24.76
N ILE A 6 2.65 -53.53 -24.09
CA ILE A 6 2.28 -52.12 -24.09
C ILE A 6 2.74 -51.53 -25.41
N ILE A 7 1.81 -51.00 -26.18
CA ILE A 7 2.15 -50.41 -27.47
C ILE A 7 2.49 -48.93 -27.32
N LYS A 8 1.71 -48.23 -26.49
CA LYS A 8 2.00 -46.85 -26.17
C LYS A 8 1.92 -46.58 -24.66
N LYS A 9 2.94 -45.93 -24.13
CA LYS A 9 3.03 -45.62 -22.70
C LYS A 9 2.46 -44.22 -22.44
N PRO A 10 1.97 -43.97 -21.21
CA PRO A 10 1.49 -42.62 -20.88
C PRO A 10 2.59 -41.58 -20.91
N LYS A 11 2.23 -40.34 -21.22
CA LYS A 11 3.20 -39.23 -21.32
C LYS A 11 2.97 -38.24 -20.17
N ASP A 12 4.03 -37.56 -19.74
CA ASP A 12 3.93 -36.49 -18.76
C ASP A 12 3.03 -35.38 -19.28
N VAL A 13 2.38 -34.67 -18.36
CA VAL A 13 1.45 -33.62 -18.69
C VAL A 13 1.76 -32.44 -17.78
N THR A 14 1.83 -31.25 -18.35
CA THR A 14 1.89 -30.02 -17.58
C THR A 14 0.60 -29.26 -17.86
N ALA A 15 -0.11 -28.84 -16.82
CA ALA A 15 -1.37 -28.14 -17.03
C ALA A 15 -1.66 -27.13 -15.94
N LEU A 16 -2.55 -26.20 -16.25
CA LEU A 16 -3.02 -25.21 -15.29
C LEU A 16 -3.98 -25.78 -14.26
N GLU A 17 -3.96 -25.19 -13.06
CA GLU A 17 -4.95 -25.51 -12.06
C GLU A 17 -6.34 -25.35 -12.66
N ASN A 18 -7.23 -26.30 -12.38
CA ASN A 18 -8.61 -26.36 -12.87
C ASN A 18 -8.76 -26.86 -14.29
N ALA A 19 -7.67 -27.25 -14.92
CA ALA A 19 -7.75 -27.79 -16.27
C ALA A 19 -8.15 -29.26 -16.22
N THR A 20 -8.52 -29.79 -17.38
CA THR A 20 -8.82 -31.20 -17.54
C THR A 20 -7.63 -31.81 -18.26
N VAL A 21 -7.22 -33.01 -17.85
CA VAL A 21 -6.06 -33.66 -18.45
C VAL A 21 -6.31 -35.14 -18.56
N ALA A 22 -5.52 -35.81 -19.37
CA ALA A 22 -5.64 -37.26 -19.49
C ALA A 22 -4.28 -37.93 -19.63
N PHE A 23 -4.27 -39.22 -19.28
CA PHE A 23 -3.16 -40.11 -19.48
C PHE A 23 -3.74 -41.24 -20.27
N GLU A 24 -2.97 -41.81 -21.19
CA GLU A 24 -3.45 -42.97 -21.92
C GLU A 24 -2.38 -44.07 -22.11
N VAL A 25 -2.79 -45.33 -21.94
CA VAL A 25 -1.97 -46.47 -22.32
C VAL A 25 -2.66 -47.21 -23.45
N SER A 26 -1.91 -47.75 -24.40
CA SER A 26 -2.54 -48.61 -25.39
C SER A 26 -1.80 -49.94 -25.42
N VAL A 27 -2.54 -51.03 -25.60
CA VAL A 27 -1.94 -52.35 -25.48
C VAL A 27 -2.14 -53.15 -26.77
N SER A 28 -1.52 -54.33 -26.83
CA SER A 28 -1.52 -55.13 -28.05
C SER A 28 -2.79 -55.96 -28.21
N HIS A 29 -3.48 -56.20 -27.10
CA HIS A 29 -4.62 -57.10 -27.11
C HIS A 29 -5.85 -56.43 -26.49
N ASP A 30 -7.02 -56.79 -27.00
CA ASP A 30 -8.24 -56.03 -26.76
C ASP A 30 -8.79 -56.23 -25.34
N THR A 31 -8.92 -57.50 -24.93
CA THR A 31 -9.50 -57.78 -23.62
C THR A 31 -8.42 -57.80 -22.55
N VAL A 32 -8.07 -56.62 -22.06
CA VAL A 32 -7.04 -56.48 -21.05
C VAL A 32 -7.46 -55.43 -20.01
N PRO A 33 -7.54 -55.83 -18.73
CA PRO A 33 -7.93 -54.90 -17.66
C PRO A 33 -6.77 -54.01 -17.22
N VAL A 34 -7.06 -52.75 -16.88
CA VAL A 34 -6.03 -51.81 -16.47
C VAL A 34 -6.38 -51.14 -15.14
N LYS A 35 -5.42 -51.04 -14.24
CA LYS A 35 -5.61 -50.24 -13.03
C LYS A 35 -4.71 -49.01 -13.06
N TRP A 36 -5.18 -47.93 -12.47
CA TRP A 36 -4.37 -46.72 -12.31
C TRP A 36 -4.14 -46.42 -10.82
N PHE A 37 -2.93 -45.99 -10.50
CA PHE A 37 -2.50 -45.68 -9.15
C PHE A 37 -1.91 -44.27 -9.03
N HIS A 38 -2.20 -43.64 -7.90
CA HIS A 38 -1.61 -42.35 -7.54
C HIS A 38 -1.38 -42.41 -6.03
N LYS A 39 -0.20 -42.02 -5.58
CA LYS A 39 0.15 -42.04 -4.16
C LYS A 39 -0.11 -43.39 -3.51
N SER A 40 0.22 -44.45 -4.25
CA SER A 40 0.09 -45.84 -3.78
C SER A 40 -1.36 -46.30 -3.60
N VAL A 41 -2.30 -45.53 -4.10
CA VAL A 41 -3.71 -45.86 -3.98
C VAL A 41 -4.30 -46.03 -5.37
N GLU A 42 -5.13 -47.06 -5.54
CA GLU A 42 -5.83 -47.27 -6.81
C GLU A 42 -6.91 -46.22 -7.06
N ILE A 43 -6.83 -45.57 -8.21
CA ILE A 43 -7.80 -44.57 -8.63
C ILE A 43 -9.16 -45.19 -8.90
N LYS A 44 -10.20 -44.56 -8.38
CA LYS A 44 -11.58 -44.99 -8.61
C LYS A 44 -12.31 -43.93 -9.38
N PRO A 45 -13.36 -44.30 -10.13
CA PRO A 45 -14.19 -43.27 -10.76
C PRO A 45 -14.74 -42.32 -9.68
N SER A 46 -14.72 -41.02 -9.96
CA SER A 46 -15.19 -40.03 -8.99
C SER A 46 -15.62 -38.78 -9.76
N ASP A 47 -16.02 -37.74 -9.05
CA ASP A 47 -16.32 -36.48 -9.70
C ASP A 47 -15.09 -35.92 -10.42
N LYS A 48 -13.91 -36.32 -9.97
CA LYS A 48 -12.67 -35.84 -10.58
C LYS A 48 -11.99 -36.84 -11.53
N HIS A 49 -12.30 -38.14 -11.38
CA HIS A 49 -11.58 -39.17 -12.13
C HIS A 49 -12.52 -39.95 -13.05
N ARG A 50 -12.14 -40.11 -14.31
CA ARG A 50 -12.97 -40.89 -15.21
C ARG A 50 -12.08 -41.93 -15.90
N LEU A 51 -12.54 -43.17 -15.92
CA LEU A 51 -11.78 -44.26 -16.55
C LEU A 51 -12.53 -44.74 -17.77
N VAL A 52 -11.85 -44.77 -18.91
CA VAL A 52 -12.48 -45.08 -20.17
C VAL A 52 -11.63 -46.05 -20.95
N SER A 53 -12.24 -47.11 -21.45
CA SER A 53 -11.55 -48.03 -22.35
C SER A 53 -12.24 -48.08 -23.71
N GLU A 54 -11.41 -48.10 -24.76
CA GLU A 54 -11.89 -48.31 -26.12
C GLU A 54 -10.99 -49.36 -26.75
N ARG A 55 -11.46 -50.59 -26.80
CA ARG A 55 -10.68 -51.71 -27.33
C ARG A 55 -9.28 -51.78 -26.70
N LYS A 56 -8.25 -51.42 -27.46
CA LYS A 56 -6.89 -51.55 -26.97
C LYS A 56 -6.40 -50.32 -26.19
N VAL A 57 -7.22 -49.29 -26.12
CA VAL A 57 -6.76 -48.03 -25.55
C VAL A 57 -7.44 -47.75 -24.20
N HIS A 58 -6.65 -47.41 -23.19
CA HIS A 58 -7.18 -47.14 -21.85
C HIS A 58 -6.78 -45.74 -21.37
N LYS A 59 -7.77 -44.96 -20.95
CA LYS A 59 -7.55 -43.56 -20.57
C LYS A 59 -7.99 -43.30 -19.14
N LEU A 60 -7.18 -42.50 -18.43
CA LEU A 60 -7.57 -41.92 -17.16
C LEU A 60 -7.73 -40.42 -17.37
N MET A 61 -8.91 -39.89 -17.09
CA MET A 61 -9.14 -38.48 -17.26
C MET A 61 -9.31 -37.81 -15.90
N LEU A 62 -8.67 -36.65 -15.69
CA LEU A 62 -8.84 -35.89 -14.47
C LEU A 62 -9.44 -34.53 -14.80
N GLN A 63 -10.52 -34.17 -14.10
CA GLN A 63 -11.20 -32.88 -14.25
C GLN A 63 -10.81 -31.97 -13.11
N ASN A 64 -10.77 -30.66 -13.38
CA ASN A 64 -10.58 -29.67 -12.33
C ASN A 64 -9.42 -29.98 -11.42
N ILE A 65 -8.26 -30.23 -12.00
CA ILE A 65 -7.11 -30.61 -11.21
C ILE A 65 -6.71 -29.53 -10.22
N SER A 66 -6.10 -29.99 -9.12
CA SER A 66 -5.60 -29.15 -8.05
C SER A 66 -4.14 -29.48 -7.87
N PRO A 67 -3.38 -28.66 -7.13
CA PRO A 67 -1.98 -29.02 -6.84
C PRO A 67 -1.83 -30.38 -6.13
N SER A 68 -2.89 -30.77 -5.42
CA SER A 68 -2.96 -32.07 -4.75
C SER A 68 -2.90 -33.23 -5.77
N ASP A 69 -3.36 -32.98 -6.99
CA ASP A 69 -3.32 -34.01 -8.03
C ASP A 69 -1.97 -34.21 -8.67
N ALA A 70 -1.02 -33.30 -8.45
CA ALA A 70 0.28 -33.42 -9.15
C ALA A 70 1.04 -34.67 -8.71
N GLY A 71 1.97 -35.12 -9.55
CA GLY A 71 2.84 -36.22 -9.17
C GLY A 71 2.74 -37.40 -10.12
N GLU A 72 3.20 -38.56 -9.66
CA GLU A 72 3.35 -39.72 -10.52
C GLU A 72 2.12 -40.62 -10.53
N TYR A 73 1.62 -40.90 -11.74
CA TYR A 73 0.53 -41.84 -11.95
C TYR A 73 1.06 -43.09 -12.60
N THR A 74 0.51 -44.23 -12.19
CA THR A 74 0.98 -45.53 -12.66
C THR A 74 -0.17 -46.30 -13.29
N ALA A 75 0.08 -46.88 -14.46
CA ALA A 75 -0.89 -47.73 -15.11
C ALA A 75 -0.38 -49.15 -14.96
N VAL A 76 -1.21 -50.03 -14.42
CA VAL A 76 -0.82 -51.43 -14.24
C VAL A 76 -1.62 -52.30 -15.18
N VAL A 77 -0.92 -53.02 -16.06
CA VAL A 77 -1.58 -53.94 -16.96
C VAL A 77 -0.96 -55.33 -16.78
N GLY A 78 -1.63 -56.17 -16.00
CA GLY A 78 -1.06 -57.44 -15.59
C GLY A 78 0.11 -57.21 -14.65
N GLN A 79 1.29 -57.72 -15.02
CA GLN A 79 2.51 -57.47 -14.27
C GLN A 79 3.25 -56.23 -14.81
N LEU A 80 2.75 -55.72 -15.93
CA LEU A 80 3.43 -54.64 -16.64
C LEU A 80 3.00 -53.31 -16.03
N GLU A 81 3.97 -52.43 -15.82
CA GLU A 81 3.71 -51.20 -15.09
C GLU A 81 4.50 -50.03 -15.67
N CYS A 82 3.81 -48.92 -15.94
CA CYS A 82 4.46 -47.74 -16.52
C CYS A 82 3.95 -46.48 -15.85
N LYS A 83 4.78 -45.46 -15.79
CA LYS A 83 4.46 -44.28 -14.99
C LYS A 83 4.57 -42.99 -15.79
N ALA A 84 3.82 -41.97 -15.37
CA ALA A 84 3.91 -40.66 -16.01
C ALA A 84 3.52 -39.64 -14.98
N LYS A 85 3.95 -38.41 -15.21
CA LYS A 85 3.83 -37.40 -14.17
C LYS A 85 2.90 -36.28 -14.60
N LEU A 86 2.13 -35.76 -13.64
CA LEU A 86 1.40 -34.53 -13.84
C LEU A 86 2.06 -33.38 -13.07
N PHE A 87 2.30 -32.28 -13.76
CA PHE A 87 2.76 -31.04 -13.14
C PHE A 87 1.61 -30.04 -13.23
N VAL A 88 1.30 -29.40 -12.11
CA VAL A 88 0.17 -28.48 -12.07
C VAL A 88 0.70 -27.06 -11.88
N GLU A 89 0.44 -26.21 -12.84
CA GLU A 89 0.90 -24.81 -12.77
C GLU A 89 -0.16 -23.96 -12.07
N THR A 90 0.27 -23.02 -11.24
CA THR A 90 -0.69 -22.20 -10.53
C THR A 90 -0.48 -20.72 -10.89
N LEU A 91 -1.57 -19.96 -10.89
CA LEU A 91 -1.50 -18.53 -11.14
C LEU A 91 -0.78 -17.84 -10.01
N HIS A 92 0.21 -17.02 -10.33
CA HIS A 92 0.83 -16.22 -9.31
C HIS A 92 1.42 -14.93 -9.87
N ILE A 93 1.77 -14.03 -8.97
CA ILE A 93 2.34 -12.75 -9.33
C ILE A 93 3.86 -12.86 -9.39
N THR A 94 4.44 -12.43 -10.51
CA THR A 94 5.86 -12.60 -10.73
C THR A 94 6.66 -11.33 -10.52
N LYS A 95 5.98 -10.20 -10.37
CA LYS A 95 6.67 -8.97 -10.04
C LYS A 95 5.76 -8.04 -9.26
N THR A 96 6.34 -7.44 -8.22
CA THR A 96 5.61 -6.59 -7.29
C THR A 96 5.32 -5.22 -7.87
N MET A 97 4.51 -4.44 -7.16
CA MET A 97 4.24 -3.07 -7.57
C MET A 97 4.92 -2.08 -6.65
N LYS A 98 5.29 -0.93 -7.21
CA LYS A 98 5.97 0.09 -6.44
C LYS A 98 4.94 1.11 -5.94
N ASN A 99 5.11 1.56 -4.71
CA ASN A 99 4.32 2.67 -4.19
C ASN A 99 4.52 3.91 -5.07
N ILE A 100 3.46 4.67 -5.33
CA ILE A 100 3.57 5.88 -6.13
C ILE A 100 3.22 7.12 -5.35
N GLU A 101 3.90 8.22 -5.66
CA GLU A 101 3.45 9.53 -5.24
C GLU A 101 3.26 10.39 -6.50
N VAL A 102 2.08 11.01 -6.60
CA VAL A 102 1.68 11.72 -7.81
C VAL A 102 1.09 13.09 -7.47
N PRO A 103 1.52 14.15 -8.19
CA PRO A 103 0.88 15.43 -7.95
C PRO A 103 -0.58 15.36 -8.33
N GLU A 104 -1.40 16.05 -7.57
CA GLU A 104 -2.82 16.28 -7.90
C GLU A 104 -3.03 16.65 -9.38
N THR A 105 -4.09 16.09 -9.96
CA THR A 105 -4.55 16.24 -11.35
C THR A 105 -3.78 15.40 -12.36
N LYS A 106 -2.60 14.91 -11.99
CA LYS A 106 -1.80 14.10 -12.92
C LYS A 106 -2.23 12.63 -12.88
N THR A 107 -1.74 11.85 -13.83
CA THR A 107 -2.18 10.46 -13.92
C THR A 107 -1.24 9.56 -13.12
N ALA A 108 -1.84 8.57 -12.46
CA ALA A 108 -1.06 7.60 -11.71
C ALA A 108 -1.28 6.24 -12.34
N SER A 109 -0.29 5.36 -12.27
CA SER A 109 -0.46 4.01 -12.82
C SER A 109 0.23 2.96 -11.97
N PHE A 110 -0.46 1.86 -11.73
CA PHE A 110 0.16 0.69 -11.09
C PHE A 110 0.29 -0.39 -12.14
N GLU A 111 1.38 -1.16 -12.05
CA GLU A 111 1.62 -2.28 -12.97
C GLU A 111 2.07 -3.51 -12.20
N CYS A 112 1.56 -4.68 -12.57
CA CYS A 112 2.18 -5.89 -12.06
C CYS A 112 2.18 -6.96 -13.13
N GLU A 113 3.08 -7.92 -12.94
CA GLU A 113 3.22 -9.00 -13.91
C GLU A 113 2.70 -10.31 -13.28
N VAL A 114 1.98 -11.10 -14.07
CA VAL A 114 1.48 -12.40 -13.61
C VAL A 114 2.13 -13.55 -14.38
N SER A 115 1.85 -14.77 -13.95
CA SER A 115 2.58 -15.93 -14.40
C SER A 115 2.07 -16.44 -15.76
N HIS A 116 0.83 -16.11 -16.09
CA HIS A 116 0.18 -16.67 -17.26
C HIS A 116 -0.59 -15.65 -18.05
N PHE A 117 -0.79 -15.95 -19.32
CA PHE A 117 -1.66 -15.15 -20.17
C PHE A 117 -3.12 -15.44 -19.85
N ASN A 118 -3.98 -14.48 -20.20
CA ASN A 118 -5.44 -14.60 -20.02
C ASN A 118 -5.92 -14.70 -18.57
N VAL A 119 -5.18 -14.10 -17.66
CA VAL A 119 -5.64 -13.90 -16.27
C VAL A 119 -6.63 -12.73 -16.21
N PRO A 120 -7.79 -12.92 -15.59
CA PRO A 120 -8.75 -11.82 -15.40
C PRO A 120 -8.13 -10.66 -14.59
N SER A 121 -8.38 -9.41 -14.99
CA SER A 121 -7.93 -8.31 -14.15
C SER A 121 -8.80 -8.20 -12.92
N MET A 122 -8.18 -8.01 -11.77
CA MET A 122 -8.91 -7.83 -10.51
C MET A 122 -8.21 -6.83 -9.60
N TRP A 123 -8.75 -5.62 -9.53
CA TRP A 123 -8.09 -4.55 -8.78
C TRP A 123 -8.95 -4.09 -7.61
N LEU A 124 -8.35 -3.88 -6.45
CA LEU A 124 -9.06 -3.42 -5.25
C LEU A 124 -8.52 -2.06 -4.79
N LYS A 125 -9.41 -1.24 -4.25
CA LYS A 125 -9.01 0.00 -3.56
C LYS A 125 -9.46 -0.10 -2.12
N ASN A 126 -8.51 -0.18 -1.20
CA ASN A 126 -8.82 -0.40 0.21
C ASN A 126 -9.77 -1.59 0.38
N GLY A 127 -9.48 -2.70 -0.29
CA GLY A 127 -10.24 -3.93 -0.08
C GLY A 127 -11.53 -4.06 -0.87
N VAL A 128 -11.89 -2.99 -1.59
CA VAL A 128 -13.12 -2.94 -2.38
C VAL A 128 -12.82 -3.04 -3.88
N GLU A 129 -13.54 -3.88 -4.61
CA GLU A 129 -13.31 -4.00 -6.06
C GLU A 129 -13.55 -2.70 -6.79
N ILE A 130 -12.59 -2.33 -7.64
CA ILE A 130 -12.71 -1.13 -8.44
C ILE A 130 -13.51 -1.43 -9.69
N GLU A 131 -14.59 -0.68 -9.89
CA GLU A 131 -15.29 -0.74 -11.15
C GLU A 131 -14.67 0.30 -12.09
N MET A 132 -14.21 -0.17 -13.25
CA MET A 132 -13.61 0.68 -14.27
C MET A 132 -14.57 1.83 -14.64
N SER A 133 -13.99 2.99 -14.97
CA SER A 133 -14.75 4.20 -15.25
C SER A 133 -13.89 5.19 -16.06
N GLU A 134 -14.30 6.45 -16.14
CA GLU A 134 -13.45 7.45 -16.79
C GLU A 134 -12.25 7.76 -15.89
N LYS A 135 -12.41 7.45 -14.60
CA LYS A 135 -11.33 7.62 -13.62
C LYS A 135 -10.32 6.48 -13.59
N PHE A 136 -10.83 5.26 -13.54
CA PHE A 136 -10.00 4.06 -13.42
C PHE A 136 -9.96 3.31 -14.72
N LYS A 137 -8.77 3.24 -15.32
CA LYS A 137 -8.57 2.49 -16.54
C LYS A 137 -7.77 1.21 -16.26
N ILE A 138 -8.33 0.08 -16.67
CA ILE A 138 -7.70 -1.23 -16.54
C ILE A 138 -7.09 -1.64 -17.88
N VAL A 139 -5.81 -1.99 -17.89
CA VAL A 139 -5.21 -2.46 -19.13
C VAL A 139 -4.55 -3.81 -18.92
N VAL A 140 -4.63 -4.69 -19.91
CA VAL A 140 -3.89 -5.94 -19.89
C VAL A 140 -3.02 -6.03 -21.14
N GLN A 141 -1.73 -6.25 -20.94
CA GLN A 141 -0.82 -6.45 -22.06
C GLN A 141 -0.05 -7.75 -21.84
N GLY A 142 -0.59 -8.84 -22.41
CA GLY A 142 0.00 -10.15 -22.21
C GLY A 142 -0.03 -10.53 -20.75
N LYS A 143 1.14 -10.58 -20.11
CA LYS A 143 1.15 -10.91 -18.69
C LYS A 143 1.28 -9.69 -17.79
N LEU A 144 1.33 -8.51 -18.41
CA LEU A 144 1.36 -7.25 -17.66
C LEU A 144 -0.05 -6.70 -17.38
N HIS A 145 -0.34 -6.39 -16.13
CA HIS A 145 -1.63 -5.82 -15.79
C HIS A 145 -1.42 -4.44 -15.23
N GLN A 146 -2.18 -3.51 -15.74
CA GLN A 146 -2.01 -2.09 -15.42
C GLN A 146 -3.29 -1.44 -14.92
N LEU A 147 -3.19 -0.69 -13.83
CA LEU A 147 -4.30 0.13 -13.39
C LEU A 147 -3.94 1.58 -13.61
N ILE A 148 -4.79 2.30 -14.33
CA ILE A 148 -4.57 3.74 -14.56
C ILE A 148 -5.60 4.55 -13.82
N ILE A 149 -5.12 5.50 -13.03
CA ILE A 149 -5.99 6.42 -12.32
C ILE A 149 -5.75 7.82 -12.87
N MET A 150 -6.73 8.38 -13.55
CA MET A 150 -6.56 9.67 -14.21
C MET A 150 -7.07 10.80 -13.31
N ASN A 151 -6.59 12.02 -13.59
CA ASN A 151 -7.03 13.23 -12.88
C ASN A 151 -7.04 13.04 -11.35
N THR A 152 -5.89 12.63 -10.80
CA THR A 152 -5.85 12.24 -9.41
C THR A 152 -6.26 13.35 -8.46
N SER A 153 -6.87 12.94 -7.35
CA SER A 153 -7.25 13.85 -6.28
C SER A 153 -6.77 13.24 -4.97
N THR A 154 -6.81 14.00 -3.89
CA THR A 154 -6.37 13.47 -2.61
C THR A 154 -7.26 12.29 -2.18
N GLU A 155 -8.47 12.22 -2.71
CA GLU A 155 -9.35 11.09 -2.44
C GLU A 155 -8.85 9.78 -3.06
N ASP A 156 -7.92 9.87 -4.00
CA ASP A 156 -7.37 8.67 -4.65
C ASP A 156 -6.23 8.05 -3.85
N SER A 157 -5.74 8.78 -2.85
CA SER A 157 -4.72 8.25 -1.95
C SER A 157 -5.30 7.03 -1.21
N ALA A 158 -4.69 5.87 -1.43
CA ALA A 158 -5.18 4.63 -0.84
C ALA A 158 -4.20 3.50 -1.09
N GLU A 159 -4.50 2.35 -0.51
CA GLU A 159 -3.81 1.10 -0.83
C GLU A 159 -4.51 0.37 -1.97
N TYR A 160 -3.77 0.04 -3.02
CA TYR A 160 -4.36 -0.64 -4.19
C TYR A 160 -3.82 -2.04 -4.30
N THR A 161 -4.69 -2.99 -4.63
CA THR A 161 -4.34 -4.40 -4.61
C THR A 161 -4.65 -5.08 -5.93
N PHE A 162 -3.72 -5.88 -6.42
CA PHE A 162 -4.05 -6.71 -7.56
C PHE A 162 -4.17 -8.17 -7.09
N VAL A 163 -5.24 -8.84 -7.50
CA VAL A 163 -5.45 -10.22 -7.07
C VAL A 163 -5.26 -11.16 -8.25
N CYS A 164 -4.49 -12.21 -8.04
CA CYS A 164 -4.16 -13.14 -9.11
C CYS A 164 -4.28 -14.59 -8.62
N GLY A 165 -5.34 -15.28 -9.01
CA GLY A 165 -5.66 -16.54 -8.38
C GLY A 165 -5.76 -16.31 -6.88
N ASN A 166 -4.94 -17.02 -6.11
CA ASN A 166 -4.92 -16.90 -4.67
C ASN A 166 -3.78 -16.00 -4.21
N ASP A 167 -3.09 -15.41 -5.17
CA ASP A 167 -1.97 -14.54 -4.89
C ASP A 167 -2.45 -13.09 -4.88
N GLN A 168 -1.78 -12.24 -4.14
CA GLN A 168 -2.12 -10.82 -4.23
C GLN A 168 -0.90 -9.95 -3.92
N VAL A 169 -0.95 -8.71 -4.40
CA VAL A 169 0.12 -7.76 -4.19
C VAL A 169 -0.52 -6.39 -3.98
N SER A 170 0.04 -5.63 -3.07
CA SER A 170 -0.52 -4.33 -2.75
C SER A 170 0.53 -3.24 -2.90
N ALA A 171 0.08 -2.02 -3.17
CA ALA A 171 0.95 -0.86 -3.16
C ALA A 171 0.09 0.34 -2.84
N THR A 172 0.74 1.42 -2.42
CA THR A 172 -0.01 2.60 -2.02
C THR A 172 0.18 3.77 -2.98
N LEU A 173 -0.87 4.55 -3.18
CA LEU A 173 -0.77 5.80 -3.93
C LEU A 173 -0.85 6.98 -2.97
N THR A 174 0.04 7.96 -3.14
CA THR A 174 0.00 9.20 -2.40
C THR A 174 -0.15 10.36 -3.37
N VAL A 175 -1.25 11.09 -3.28
CA VAL A 175 -1.46 12.22 -4.17
C VAL A 175 -1.05 13.50 -3.46
N THR A 176 -0.09 14.24 -4.04
CA THR A 176 0.43 15.45 -3.41
C THR A 176 -0.29 16.72 -3.89
N PRO A 177 -0.77 17.56 -2.95
CA PRO A 177 -1.54 18.73 -3.38
C PRO A 177 -0.73 19.74 -4.21
N ILE A 178 -1.40 20.35 -5.17
CA ILE A 178 -0.85 21.50 -5.88
C ILE A 178 -0.80 22.70 -4.92
N MET A 179 0.30 23.43 -4.95
CA MET A 179 0.39 24.67 -4.19
C MET A 179 0.74 25.83 -5.12
N ILE A 180 0.04 26.94 -4.94
CA ILE A 180 0.32 28.18 -5.64
C ILE A 180 1.37 28.92 -4.84
N THR A 181 2.60 28.90 -5.34
CA THR A 181 3.70 29.43 -4.56
C THR A 181 3.72 30.96 -4.75
N SER A 182 3.68 31.41 -6.01
CA SER A 182 3.56 32.85 -6.28
C SER A 182 2.13 33.22 -6.71
N MET A 183 1.44 33.98 -5.86
CA MET A 183 0.03 34.29 -6.09
C MET A 183 -0.20 35.44 -7.05
N LEU A 184 -1.43 35.54 -7.57
CA LEU A 184 -1.85 36.67 -8.39
C LEU A 184 -1.81 37.97 -7.59
N LYS A 185 -1.32 39.04 -8.21
CA LYS A 185 -1.36 40.38 -7.62
C LYS A 185 -2.26 41.28 -8.46
N ASP A 186 -2.91 42.24 -7.80
CA ASP A 186 -3.79 43.16 -8.50
C ASP A 186 -3.01 44.00 -9.50
N ILE A 187 -3.65 44.33 -10.62
CA ILE A 187 -3.01 45.10 -11.67
C ILE A 187 -3.79 46.38 -11.95
N ASN A 188 -3.10 47.52 -11.83
CA ASN A 188 -3.67 48.81 -12.18
C ASN A 188 -3.14 49.22 -13.54
N ALA A 189 -3.97 49.12 -14.56
CA ALA A 189 -3.54 49.37 -15.93
C ALA A 189 -4.28 50.55 -16.59
N GLU A 190 -3.65 51.15 -17.59
CA GLU A 190 -4.27 52.19 -18.40
C GLU A 190 -4.90 51.56 -19.64
N GLU A 191 -5.94 52.18 -20.18
CA GLU A 191 -6.54 51.71 -21.43
C GLU A 191 -5.51 51.55 -22.54
N LYS A 192 -5.65 50.46 -23.30
CA LYS A 192 -4.77 50.04 -24.41
C LYS A 192 -3.51 49.31 -23.94
N ASP A 193 -3.29 49.27 -22.63
CA ASP A 193 -2.17 48.51 -22.08
C ASP A 193 -2.31 47.03 -22.40
N THR A 194 -1.18 46.34 -22.39
CA THR A 194 -1.15 44.89 -22.40
C THR A 194 -0.66 44.47 -21.04
N ILE A 195 -1.40 43.55 -20.41
CA ILE A 195 -1.14 43.20 -19.03
C ILE A 195 -0.80 41.73 -18.95
N THR A 196 -0.22 41.31 -17.83
CA THR A 196 0.04 39.90 -17.61
C THR A 196 -0.11 39.54 -16.14
N PHE A 197 -1.10 38.69 -15.88
CA PHE A 197 -1.24 37.99 -14.61
C PHE A 197 -0.31 36.77 -14.64
N GLU A 198 0.44 36.54 -13.58
CA GLU A 198 1.28 35.37 -13.53
C GLU A 198 1.24 34.70 -12.16
N VAL A 199 1.17 33.37 -12.19
CA VAL A 199 1.26 32.54 -11.00
C VAL A 199 2.38 31.54 -11.16
N THR A 200 2.90 31.07 -10.03
CA THR A 200 3.82 29.96 -10.03
C THR A 200 3.22 28.82 -9.22
N VAL A 201 3.40 27.58 -9.68
CA VAL A 201 2.92 26.45 -8.90
C VAL A 201 4.09 25.53 -8.58
N ASN A 202 3.84 24.47 -7.82
CA ASN A 202 4.93 23.60 -7.36
C ASN A 202 5.21 22.42 -8.28
N TYR A 203 4.30 22.12 -9.21
CA TYR A 203 4.48 20.97 -10.11
C TYR A 203 4.27 21.36 -11.56
N GLU A 204 4.90 20.62 -12.46
CA GLU A 204 4.78 20.84 -13.89
C GLU A 204 3.80 19.84 -14.49
N GLY A 205 3.11 20.25 -15.56
CA GLY A 205 2.22 19.35 -16.26
C GLY A 205 0.90 19.10 -15.54
N ILE A 206 0.49 20.03 -14.70
CA ILE A 206 -0.80 19.91 -14.03
C ILE A 206 -1.90 20.58 -14.84
N SER A 207 -3.14 20.21 -14.53
CA SER A 207 -4.31 20.80 -15.15
C SER A 207 -4.69 22.08 -14.43
N TYR A 208 -5.06 23.10 -15.18
CA TYR A 208 -5.44 24.39 -14.59
C TYR A 208 -6.55 25.05 -15.39
N LYS A 209 -7.15 26.07 -14.82
CA LYS A 209 -8.17 26.87 -15.50
C LYS A 209 -8.02 28.33 -15.08
N TRP A 210 -8.29 29.22 -16.03
CA TRP A 210 -8.43 30.64 -15.74
C TRP A 210 -9.89 31.05 -15.82
N LEU A 211 -10.34 31.89 -14.89
CA LEU A 211 -11.72 32.36 -14.89
C LEU A 211 -11.79 33.89 -14.85
N LYS A 212 -12.77 34.46 -15.56
CA LYS A 212 -13.04 35.89 -15.51
C LYS A 212 -14.40 36.10 -14.87
N ASN A 213 -14.41 36.67 -13.67
CA ASN A 213 -15.63 36.82 -12.87
C ASN A 213 -16.35 35.49 -12.64
N GLY A 214 -15.65 34.37 -12.79
CA GLY A 214 -16.22 33.07 -12.50
C GLY A 214 -16.45 32.20 -13.73
N VAL A 215 -16.49 32.83 -14.90
CA VAL A 215 -16.65 32.11 -16.17
C VAL A 215 -15.29 31.75 -16.76
N GLU A 216 -15.14 30.50 -17.17
CA GLU A 216 -13.89 30.02 -17.72
C GLU A 216 -13.51 30.73 -19.03
N ILE A 217 -12.26 31.18 -19.10
CA ILE A 217 -11.71 31.85 -20.26
C ILE A 217 -11.07 30.87 -21.25
N LYS A 218 -11.28 31.08 -22.54
CA LYS A 218 -10.52 30.36 -23.56
C LYS A 218 -9.57 31.31 -24.27
N SER A 219 -8.35 30.86 -24.51
CA SER A 219 -7.29 31.69 -25.06
C SER A 219 -7.55 32.14 -26.50
N THR A 220 -7.96 33.40 -26.65
CA THR A 220 -8.11 34.03 -27.96
C THR A 220 -6.92 34.95 -28.22
N ASP A 221 -7.00 35.73 -29.30
CA ASP A 221 -5.96 36.72 -29.59
C ASP A 221 -6.00 37.85 -28.57
N LYS A 222 -7.10 37.91 -27.82
CA LYS A 222 -7.30 38.92 -26.79
C LYS A 222 -6.71 38.48 -25.45
N CYS A 223 -7.05 37.25 -25.04
CA CYS A 223 -6.51 36.62 -23.85
C CYS A 223 -5.61 35.44 -24.20
N GLN A 224 -4.30 35.58 -24.05
CA GLN A 224 -3.41 34.45 -24.29
C GLN A 224 -2.99 33.84 -22.96
N MET A 225 -2.91 32.52 -22.93
CA MET A 225 -2.42 31.83 -21.75
C MET A 225 -1.14 31.09 -22.09
N ARG A 226 -0.09 31.36 -21.34
CA ARG A 226 1.18 30.74 -21.60
C ARG A 226 1.65 29.93 -20.38
N THR A 227 2.56 29.00 -20.63
CA THR A 227 3.07 28.12 -19.59
C THR A 227 4.51 27.74 -19.90
N LYS A 228 5.46 28.30 -19.14
CA LYS A 228 6.82 27.81 -19.23
C LYS A 228 6.96 26.63 -18.27
N LYS A 229 7.95 26.66 -17.39
CA LYS A 229 8.12 25.57 -16.44
C LYS A 229 6.94 25.47 -15.47
N LEU A 230 7.06 26.15 -14.35
CA LEU A 230 6.03 26.13 -13.33
C LEU A 230 5.28 27.47 -13.30
N THR A 231 5.48 28.28 -14.33
CA THR A 231 4.88 29.60 -14.39
C THR A 231 3.74 29.64 -15.38
N HIS A 232 2.59 30.14 -14.94
CA HIS A 232 1.40 30.25 -15.78
C HIS A 232 1.02 31.71 -15.91
N SER A 233 0.64 32.12 -17.12
CA SER A 233 0.40 33.52 -17.35
C SER A 233 -0.88 33.72 -18.13
N LEU A 234 -1.55 34.83 -17.82
CA LEU A 234 -2.71 35.28 -18.56
C LEU A 234 -2.42 36.66 -19.09
N ASN A 235 -2.14 36.72 -20.39
CA ASN A 235 -1.81 37.97 -21.07
C ASN A 235 -3.04 38.54 -21.74
N ILE A 236 -3.35 39.80 -21.46
CA ILE A 236 -4.53 40.45 -22.03
C ILE A 236 -4.11 41.70 -22.78
N ARG A 237 -4.33 41.72 -24.09
CA ARG A 237 -3.83 42.80 -24.93
C ARG A 237 -4.88 43.89 -25.16
N ASN A 238 -4.41 45.09 -25.48
CA ASN A 238 -5.28 46.20 -25.88
C ASN A 238 -6.45 46.36 -24.90
N VAL A 239 -6.11 46.43 -23.62
CA VAL A 239 -7.07 46.43 -22.54
C VAL A 239 -8.05 47.61 -22.63
N HIS A 240 -9.33 47.33 -22.42
CA HIS A 240 -10.35 48.39 -22.30
C HIS A 240 -11.20 48.14 -21.07
N PHE A 241 -12.26 48.94 -20.90
CA PHE A 241 -13.08 48.89 -19.70
C PHE A 241 -13.77 47.53 -19.45
N GLY A 242 -14.17 46.85 -20.52
CA GLY A 242 -14.80 45.54 -20.38
C GLY A 242 -13.83 44.45 -19.92
N ASP A 243 -12.57 44.83 -19.78
CA ASP A 243 -11.54 43.89 -19.33
C ASP A 243 -11.33 43.97 -17.83
N ALA A 244 -11.72 45.09 -17.22
CA ALA A 244 -11.72 45.22 -15.76
C ALA A 244 -12.65 44.18 -15.15
N ALA A 245 -12.10 43.34 -14.28
CA ALA A 245 -12.84 42.26 -13.63
C ALA A 245 -11.97 41.53 -12.61
N ASP A 246 -12.52 40.47 -12.03
CA ASP A 246 -11.77 39.59 -11.15
C ASP A 246 -11.30 38.38 -11.95
N TYR A 247 -10.02 38.05 -11.84
CA TYR A 247 -9.46 36.93 -12.58
C TYR A 247 -8.96 35.89 -11.61
N THR A 248 -9.30 34.63 -11.90
CA THR A 248 -9.01 33.53 -11.01
C THR A 248 -8.16 32.46 -11.71
N PHE A 249 -7.09 32.01 -11.06
CA PHE A 249 -6.37 30.84 -11.52
C PHE A 249 -6.72 29.66 -10.60
N VAL A 250 -7.18 28.58 -11.19
CA VAL A 250 -7.57 27.40 -10.44
C VAL A 250 -6.75 26.20 -10.89
N ALA A 251 -6.17 25.49 -9.92
CA ALA A 251 -5.41 24.26 -10.19
C ALA A 251 -5.71 23.23 -9.12
N GLY A 252 -6.40 22.17 -9.51
CA GLY A 252 -6.84 21.18 -8.55
C GLY A 252 -7.70 21.88 -7.51
N LYS A 253 -7.26 21.84 -6.26
CA LYS A 253 -7.99 22.45 -5.16
C LYS A 253 -7.42 23.82 -4.82
N ALA A 254 -6.33 24.18 -5.50
CA ALA A 254 -5.63 25.45 -5.29
C ALA A 254 -6.23 26.56 -6.14
N THR A 255 -6.51 27.70 -5.50
CA THR A 255 -7.14 28.81 -6.22
C THR A 255 -6.44 30.12 -5.87
N SER A 256 -6.53 31.10 -6.78
CA SER A 256 -5.99 32.43 -6.55
C SER A 256 -6.70 33.48 -7.41
N THR A 257 -7.18 34.54 -6.78
CA THR A 257 -7.93 35.59 -7.46
C THR A 257 -7.26 36.95 -7.27
N ALA A 258 -7.31 37.79 -8.30
CA ALA A 258 -6.88 39.19 -8.22
C ALA A 258 -7.72 40.03 -9.16
N THR A 259 -7.57 41.35 -9.07
CA THR A 259 -8.43 42.24 -9.83
C THR A 259 -7.63 43.04 -10.85
N LEU A 260 -8.18 43.19 -12.06
CA LEU A 260 -7.63 44.13 -13.03
C LEU A 260 -8.43 45.40 -13.01
N TYR A 261 -7.75 46.52 -12.77
CA TYR A 261 -8.37 47.84 -12.84
C TYR A 261 -7.92 48.57 -14.09
N VAL A 262 -8.86 49.17 -14.80
CA VAL A 262 -8.54 49.90 -16.00
C VAL A 262 -8.97 51.36 -15.88
N VAL A 263 -7.99 52.26 -15.89
CA VAL A 263 -8.30 53.69 -15.94
C VAL A 263 -8.76 54.08 -17.34
N ILE B 6 3.66 55.08 7.75
CA ILE B 6 4.25 53.76 7.94
C ILE B 6 5.29 53.52 6.84
N ILE B 7 6.52 53.25 7.26
CA ILE B 7 7.62 52.97 6.33
C ILE B 7 7.69 51.48 5.98
N LYS B 8 7.72 50.61 6.99
CA LYS B 8 7.63 49.18 6.76
C LYS B 8 6.54 48.56 7.62
N LYS B 9 5.67 47.78 6.98
CA LYS B 9 4.54 47.17 7.66
C LYS B 9 4.92 45.80 8.24
N PRO B 10 4.22 45.38 9.31
CA PRO B 10 4.55 44.09 9.93
C PRO B 10 4.29 42.95 8.96
N LYS B 11 5.02 41.85 9.13
CA LYS B 11 4.92 40.70 8.25
C LYS B 11 4.25 39.54 9.00
N ASP B 12 3.51 38.71 8.27
CA ASP B 12 2.95 37.49 8.85
C ASP B 12 4.01 36.62 9.51
N VAL B 13 3.61 35.83 10.50
CA VAL B 13 4.52 34.93 11.18
C VAL B 13 3.89 33.55 11.34
N THR B 14 4.60 32.53 10.90
CA THR B 14 4.24 31.14 11.21
C THR B 14 5.30 30.60 12.16
N ALA B 15 4.87 30.07 13.29
CA ALA B 15 5.81 29.60 14.29
C ALA B 15 5.25 28.41 15.01
N LEU B 16 6.14 27.66 15.66
CA LEU B 16 5.71 26.53 16.49
C LEU B 16 5.25 26.98 17.87
N GLU B 17 4.31 26.24 18.44
CA GLU B 17 3.93 26.40 19.85
C GLU B 17 5.15 26.53 20.76
N ASN B 18 5.08 27.49 21.68
CA ASN B 18 6.07 27.77 22.73
C ASN B 18 7.20 28.65 22.26
N ALA B 19 7.19 29.00 20.98
CA ALA B 19 8.21 29.88 20.45
C ALA B 19 7.96 31.32 20.88
N THR B 20 8.97 32.17 20.72
CA THR B 20 8.84 33.60 20.93
C THR B 20 9.00 34.27 19.58
N VAL B 21 8.06 35.12 19.20
CA VAL B 21 8.05 35.73 17.88
C VAL B 21 7.80 37.22 18.01
N ALA B 22 7.96 37.95 16.91
CA ALA B 22 7.81 39.40 16.96
C ALA B 22 7.19 39.96 15.68
N PHE B 23 6.42 41.02 15.85
CA PHE B 23 5.91 41.85 14.75
C PHE B 23 6.58 43.21 14.87
N GLU B 24 6.86 43.83 13.74
CA GLU B 24 7.61 45.08 13.75
C GLU B 24 7.00 46.09 12.81
N VAL B 25 6.95 47.36 13.21
CA VAL B 25 6.53 48.40 12.28
C VAL B 25 7.49 49.57 12.38
N SER B 26 7.80 50.14 11.23
CA SER B 26 8.76 51.21 11.11
C SER B 26 7.98 52.44 10.68
N VAL B 27 8.25 53.59 11.28
CA VAL B 27 7.48 54.78 10.98
C VAL B 27 8.42 55.93 10.62
N SER B 28 7.83 57.04 10.18
CA SER B 28 8.59 58.14 9.58
C SER B 28 9.13 59.13 10.62
N HIS B 29 8.40 59.32 11.71
CA HIS B 29 8.81 60.26 12.75
C HIS B 29 9.32 59.46 13.94
N ASP B 30 10.23 60.02 14.74
CA ASP B 30 11.08 59.15 15.58
C ASP B 30 10.44 58.59 16.87
N THR B 31 9.88 59.38 17.77
CA THR B 31 9.09 58.72 18.82
C THR B 31 7.63 59.11 18.72
N VAL B 32 6.85 58.12 18.31
CA VAL B 32 5.44 58.25 17.98
C VAL B 32 4.69 57.19 18.77
N PRO B 33 3.52 57.53 19.34
CA PRO B 33 2.77 56.46 19.99
C PRO B 33 2.34 55.40 18.97
N VAL B 34 2.64 54.14 19.27
CA VAL B 34 2.13 53.03 18.48
C VAL B 34 1.39 52.09 19.41
N LYS B 35 0.17 51.74 19.04
CA LYS B 35 -0.62 50.80 19.84
C LYS B 35 -0.81 49.52 19.05
N TRP B 36 -0.85 48.40 19.76
CA TRP B 36 -1.10 47.10 19.15
C TRP B 36 -2.43 46.51 19.62
N PHE B 37 -3.16 45.92 18.68
CA PHE B 37 -4.45 45.32 18.99
C PHE B 37 -4.54 43.86 18.58
N HIS B 38 -5.33 43.11 19.33
CA HIS B 38 -5.65 41.72 19.00
C HIS B 38 -7.05 41.46 19.48
N LYS B 39 -7.88 40.85 18.64
CA LYS B 39 -9.27 40.59 18.98
C LYS B 39 -9.95 41.88 19.42
N SER B 40 -9.63 42.97 18.73
CA SER B 40 -10.15 44.31 19.02
C SER B 40 -9.86 44.77 20.45
N VAL B 41 -8.90 44.12 21.11
CA VAL B 41 -8.50 44.52 22.46
C VAL B 41 -7.06 45.00 22.43
N GLU B 42 -6.82 46.19 22.96
CA GLU B 42 -5.47 46.78 23.00
C GLU B 42 -4.52 45.88 23.78
N ILE B 43 -3.27 45.82 23.33
CA ILE B 43 -2.25 45.01 23.96
C ILE B 43 -1.42 45.85 24.93
N LYS B 44 -1.32 45.38 26.17
CA LYS B 44 -0.52 46.04 27.20
C LYS B 44 0.58 45.08 27.66
N PRO B 45 1.71 45.62 28.13
CA PRO B 45 2.83 44.79 28.59
C PRO B 45 2.40 43.75 29.62
N SER B 46 2.88 42.51 29.49
CA SER B 46 2.48 41.43 30.39
C SER B 46 3.46 40.25 30.33
N ASP B 47 3.09 39.16 31.01
CA ASP B 47 3.73 37.85 30.90
C ASP B 47 4.03 37.51 29.44
N LYS B 48 3.00 37.72 28.64
CA LYS B 48 2.93 37.26 27.27
C LYS B 48 3.49 38.27 26.28
N HIS B 49 3.13 39.53 26.50
CA HIS B 49 3.37 40.60 25.54
C HIS B 49 4.42 41.58 26.01
N ARG B 50 5.40 41.84 25.16
CA ARG B 50 6.42 42.82 25.48
C ARG B 50 6.52 43.81 24.33
N LEU B 51 6.56 45.09 24.67
CA LEU B 51 6.49 46.18 23.71
C LEU B 51 7.78 46.99 23.73
N VAL B 52 8.49 46.96 22.61
CA VAL B 52 9.79 47.60 22.52
C VAL B 52 9.78 48.66 21.44
N SER B 53 10.25 49.85 21.78
CA SER B 53 10.24 50.97 20.84
C SER B 53 11.56 51.69 20.89
N GLU B 54 12.41 51.44 19.90
CA GLU B 54 13.70 52.11 19.81
C GLU B 54 13.77 52.97 18.54
N ARG B 55 13.78 54.28 18.76
CA ARG B 55 13.70 55.28 17.70
C ARG B 55 12.47 55.03 16.82
N LYS B 56 12.65 54.80 15.52
CA LYS B 56 11.50 54.71 14.62
C LYS B 56 10.96 53.29 14.42
N VAL B 57 11.53 52.31 15.10
CA VAL B 57 11.09 50.94 14.95
C VAL B 57 10.34 50.45 16.18
N HIS B 58 9.09 50.03 15.96
CA HIS B 58 8.25 49.58 17.06
C HIS B 58 7.98 48.10 16.96
N LYS B 59 8.27 47.37 18.03
CA LYS B 59 8.10 45.94 18.01
C LYS B 59 7.12 45.44 19.05
N LEU B 60 6.36 44.42 18.67
CA LEU B 60 5.54 43.66 19.58
C LEU B 60 6.13 42.26 19.65
N MET B 61 6.64 41.87 20.82
CA MET B 61 7.17 40.53 21.00
C MET B 61 6.19 39.67 21.79
N LEU B 62 5.97 38.44 21.34
CA LEU B 62 5.07 37.51 22.01
C LEU B 62 5.88 36.30 22.48
N GLN B 63 5.76 35.97 23.76
CA GLN B 63 6.57 34.93 24.39
C GLN B 63 5.75 33.66 24.58
N ASN B 64 6.38 32.51 24.42
CA ASN B 64 5.72 31.24 24.73
C ASN B 64 4.37 31.10 24.04
N ILE B 65 4.39 31.24 22.72
CA ILE B 65 3.20 31.19 21.88
C ILE B 65 2.31 29.95 22.10
N SER B 66 1.00 30.19 22.15
CA SER B 66 0.01 29.13 22.21
C SER B 66 -1.03 29.33 21.09
N PRO B 67 -1.82 28.28 20.78
CA PRO B 67 -2.81 28.42 19.71
C PRO B 67 -3.82 29.55 19.95
N SER B 68 -4.05 29.95 21.20
CA SER B 68 -4.95 31.07 21.46
C SER B 68 -4.32 32.42 21.04
N ASP B 69 -3.01 32.43 20.82
CA ASP B 69 -2.34 33.67 20.39
C ASP B 69 -2.48 33.88 18.89
N ALA B 70 -2.83 32.81 18.18
CA ALA B 70 -2.99 32.87 16.73
C ALA B 70 -4.03 33.89 16.32
N GLY B 71 -3.83 34.52 15.17
CA GLY B 71 -4.80 35.43 14.62
C GLY B 71 -4.15 36.71 14.17
N GLU B 72 -4.98 37.71 13.89
CA GLU B 72 -4.53 38.95 13.28
C GLU B 72 -4.17 40.00 14.33
N TYR B 73 -3.01 40.62 14.15
CA TYR B 73 -2.55 41.70 15.04
C TYR B 73 -2.52 42.99 14.25
N THR B 74 -2.95 44.06 14.90
CA THR B 74 -3.07 45.36 14.26
C THR B 74 -2.19 46.39 14.94
N ALA B 75 -1.34 47.05 14.15
CA ALA B 75 -0.58 48.18 14.66
C ALA B 75 -1.34 49.45 14.34
N VAL B 76 -1.50 50.32 15.33
CA VAL B 76 -2.16 51.60 15.13
C VAL B 76 -1.12 52.71 15.21
N VAL B 77 -0.92 53.38 14.09
CA VAL B 77 0.03 54.49 14.03
C VAL B 77 -0.69 55.77 13.66
N GLY B 78 -1.02 56.59 14.66
CA GLY B 78 -1.70 57.85 14.39
C GLY B 78 -3.02 57.54 13.73
N GLN B 79 -3.24 58.10 12.54
CA GLN B 79 -4.48 57.87 11.81
C GLN B 79 -4.44 56.58 10.98
N LEU B 80 -3.28 55.91 10.96
CA LEU B 80 -3.08 54.75 10.09
C LEU B 80 -3.13 53.43 10.85
N GLU B 81 -3.42 52.36 10.11
CA GLU B 81 -3.44 51.03 10.70
C GLU B 81 -2.75 50.05 9.74
N CYS B 82 -2.16 48.99 10.29
CA CYS B 82 -1.67 47.89 9.48
C CYS B 82 -1.75 46.58 10.26
N LYS B 83 -2.02 45.51 9.54
CA LYS B 83 -2.33 44.21 10.15
C LYS B 83 -1.35 43.13 9.73
N ALA B 84 -1.15 42.12 10.58
CA ALA B 84 -0.42 40.91 10.19
C ALA B 84 -0.93 39.74 11.00
N LYS B 85 -0.73 38.54 10.50
CA LYS B 85 -1.27 37.35 11.17
C LYS B 85 -0.19 36.50 11.81
N LEU B 86 -0.54 35.90 12.94
CA LEU B 86 0.29 34.89 13.54
C LEU B 86 -0.38 33.54 13.34
N PHE B 87 0.38 32.61 12.76
CA PHE B 87 -0.05 31.22 12.65
C PHE B 87 0.76 30.37 13.60
N VAL B 88 0.08 29.58 14.42
CA VAL B 88 0.75 28.75 15.40
C VAL B 88 0.66 27.29 14.99
N GLU B 89 1.80 26.66 14.73
CA GLU B 89 1.82 25.26 14.36
C GLU B 89 2.03 24.39 15.58
N THR B 90 1.22 23.35 15.67
CA THR B 90 1.28 22.42 16.77
C THR B 90 1.64 21.02 16.27
N LEU B 91 2.26 20.24 17.14
CA LEU B 91 2.54 18.83 16.83
C LEU B 91 1.25 18.03 16.82
N HIS B 92 0.98 17.37 15.71
CA HIS B 92 -0.19 16.51 15.64
C HIS B 92 0.05 15.37 14.66
N ILE B 93 -0.87 14.43 14.68
CA ILE B 93 -0.81 13.29 13.78
C ILE B 93 -1.62 13.62 12.53
N THR B 94 -1.04 13.41 11.35
CA THR B 94 -1.68 13.84 10.09
C THR B 94 -2.34 12.72 9.31
N LYS B 95 -1.99 11.48 9.65
CA LYS B 95 -2.56 10.29 9.03
C LYS B 95 -2.66 9.20 10.09
N THR B 96 -3.88 8.94 10.51
CA THR B 96 -4.19 7.97 11.57
C THR B 96 -3.84 6.53 11.20
N MET B 97 -3.66 5.70 12.22
CA MET B 97 -3.25 4.32 12.02
C MET B 97 -4.42 3.41 11.71
N LYS B 98 -4.21 2.49 10.77
CA LYS B 98 -5.22 1.49 10.46
C LYS B 98 -5.12 0.35 11.45
N ASN B 99 -6.24 -0.28 11.78
CA ASN B 99 -6.23 -1.54 12.52
C ASN B 99 -5.54 -2.60 11.67
N ILE B 100 -4.91 -3.57 12.32
CA ILE B 100 -4.11 -4.59 11.62
C ILE B 100 -4.54 -5.98 12.03
N GLU B 101 -4.57 -6.91 11.08
CA GLU B 101 -4.74 -8.31 11.40
C GLU B 101 -3.61 -9.09 10.74
N VAL B 102 -2.93 -9.91 11.53
CA VAL B 102 -1.72 -10.57 11.06
C VAL B 102 -1.77 -12.04 11.49
N PRO B 103 -1.37 -12.95 10.60
CA PRO B 103 -1.26 -14.33 11.05
C PRO B 103 -0.21 -14.53 12.16
N GLU B 104 -0.55 -15.42 13.07
CA GLU B 104 0.42 -15.97 14.02
C GLU B 104 1.80 -16.31 13.38
N THR B 105 2.86 -15.92 14.08
CA THR B 105 4.28 -16.07 13.73
C THR B 105 4.77 -15.07 12.66
N LYS B 106 3.89 -14.30 12.07
CA LYS B 106 4.33 -13.32 11.06
C LYS B 106 4.54 -11.94 11.69
N THR B 107 5.15 -11.06 10.91
CA THR B 107 5.48 -9.72 11.37
C THR B 107 4.37 -8.72 11.13
N ALA B 108 4.05 -7.90 12.13
CA ALA B 108 3.06 -6.84 11.97
C ALA B 108 3.74 -5.47 12.07
N SER B 109 3.17 -4.47 11.40
CA SER B 109 3.76 -3.13 11.35
C SER B 109 2.67 -2.09 11.49
N PHE B 110 2.83 -1.18 12.45
CA PHE B 110 1.95 -0.02 12.56
C PHE B 110 2.73 1.17 12.01
N GLU B 111 2.05 2.04 11.26
CA GLU B 111 2.66 3.28 10.77
C GLU B 111 1.82 4.49 11.15
N CYS B 112 2.50 5.55 11.57
CA CYS B 112 1.86 6.78 11.96
C CYS B 112 2.57 7.99 11.33
N GLU B 113 1.84 8.95 10.76
CA GLU B 113 2.47 10.11 10.16
C GLU B 113 2.19 11.36 10.98
N VAL B 114 3.25 12.11 11.30
CA VAL B 114 3.12 13.30 12.14
C VAL B 114 3.45 14.57 11.33
N SER B 115 3.12 15.71 11.93
CA SER B 115 3.16 16.99 11.23
C SER B 115 4.56 17.57 11.11
N HIS B 116 5.47 17.12 11.96
CA HIS B 116 6.80 17.72 12.02
C HIS B 116 7.90 16.67 12.07
N PHE B 117 9.10 17.08 11.71
CA PHE B 117 10.26 16.22 11.88
C PHE B 117 10.72 16.24 13.34
N ASN B 118 11.53 15.24 13.70
CA ASN B 118 12.18 15.15 15.01
C ASN B 118 11.22 15.02 16.19
N VAL B 119 10.02 14.53 15.92
CA VAL B 119 9.13 14.10 16.98
C VAL B 119 9.66 12.78 17.55
N PRO B 120 9.74 12.69 18.89
CA PRO B 120 10.18 11.41 19.46
C PRO B 120 9.16 10.27 19.30
N SER B 121 9.64 9.08 19.05
CA SER B 121 8.75 7.91 19.01
C SER B 121 8.20 7.61 20.41
N MET B 122 6.89 7.50 20.54
CA MET B 122 6.29 7.13 21.82
C MET B 122 5.19 6.13 21.56
N TRP B 123 5.49 4.85 21.78
CA TRP B 123 4.51 3.79 21.49
C TRP B 123 4.01 3.10 22.76
N LEU B 124 2.70 2.87 22.85
CA LEU B 124 2.13 2.22 24.02
C LEU B 124 1.46 0.93 23.62
N LYS B 125 1.45 -0.02 24.53
CA LYS B 125 0.63 -1.23 24.37
C LYS B 125 -0.33 -1.28 25.54
N ASN B 126 -1.62 -1.26 25.24
CA ASN B 126 -2.66 -1.16 26.27
C ASN B 126 -2.30 -0.10 27.32
N GLY B 127 -1.85 1.08 26.87
CA GLY B 127 -1.61 2.19 27.78
C GLY B 127 -0.27 2.19 28.51
N VAL B 128 0.51 1.12 28.34
CA VAL B 128 1.80 1.00 29.02
C VAL B 128 2.92 1.20 27.99
N GLU B 129 3.95 1.99 28.32
CA GLU B 129 5.02 2.25 27.35
C GLU B 129 5.72 0.94 26.98
N ILE B 130 5.89 0.73 25.68
CA ILE B 130 6.47 -0.52 25.19
C ILE B 130 7.91 -0.67 25.62
N GLU B 131 8.19 -1.83 26.20
CA GLU B 131 9.51 -2.26 26.62
C GLU B 131 10.24 -2.83 25.42
N MET B 132 11.27 -2.15 24.93
CA MET B 132 11.99 -2.65 23.75
C MET B 132 12.59 -4.03 24.00
N SER B 133 12.43 -4.92 23.02
CA SER B 133 12.97 -6.28 23.13
C SER B 133 13.11 -6.89 21.74
N GLU B 134 13.45 -8.17 21.67
CA GLU B 134 13.52 -8.87 20.39
C GLU B 134 12.17 -8.88 19.65
N LYS B 135 11.08 -8.57 20.35
CA LYS B 135 9.77 -8.55 19.69
C LYS B 135 9.52 -7.25 18.91
N PHE B 136 10.09 -6.15 19.37
CA PHE B 136 9.75 -4.85 18.80
C PHE B 136 10.90 -4.20 18.04
N LYS B 137 10.56 -3.49 16.97
CA LYS B 137 11.53 -2.62 16.33
C LYS B 137 10.85 -1.27 16.05
N ILE B 138 11.50 -0.18 16.44
CA ILE B 138 11.00 1.18 16.19
C ILE B 138 11.78 1.83 15.03
N VAL B 139 11.05 2.40 14.09
CA VAL B 139 11.67 3.02 12.92
C VAL B 139 11.07 4.40 12.71
N VAL B 140 11.93 5.34 12.37
CA VAL B 140 11.50 6.69 12.06
C VAL B 140 12.03 7.04 10.67
N GLN B 141 11.14 7.39 9.74
CA GLN B 141 11.57 7.91 8.44
C GLN B 141 10.94 9.28 8.20
N GLY B 142 11.67 10.32 8.57
CA GLY B 142 11.17 11.69 8.43
C GLY B 142 10.00 11.92 9.36
N LYS B 143 8.81 12.11 8.77
CA LYS B 143 7.61 12.28 9.55
C LYS B 143 6.87 10.96 9.75
N LEU B 144 7.41 9.89 9.19
CA LEU B 144 6.78 8.57 9.30
C LEU B 144 7.36 7.77 10.46
N HIS B 145 6.49 7.35 11.37
CA HIS B 145 6.89 6.57 12.53
C HIS B 145 6.31 5.16 12.41
N GLN B 146 7.16 4.17 12.61
CA GLN B 146 6.73 2.78 12.46
C GLN B 146 7.08 1.96 13.70
N LEU B 147 6.16 1.08 14.08
CA LEU B 147 6.36 0.09 15.13
C LEU B 147 6.24 -1.28 14.45
N ILE B 148 7.28 -2.08 14.57
CA ILE B 148 7.33 -3.40 13.93
C ILE B 148 7.22 -4.43 15.02
N ILE B 149 6.29 -5.36 14.86
CA ILE B 149 6.13 -6.40 15.86
C ILE B 149 6.40 -7.74 15.18
N MET B 150 7.41 -8.44 15.67
CA MET B 150 7.90 -9.64 14.99
C MET B 150 7.42 -10.89 15.72
N ASN B 151 7.44 -12.01 15.00
CA ASN B 151 7.03 -13.30 15.53
C ASN B 151 5.77 -13.21 16.39
N THR B 152 4.68 -12.68 15.82
CA THR B 152 3.50 -12.37 16.61
C THR B 152 2.86 -13.63 17.19
N SER B 153 2.20 -13.46 18.32
CA SER B 153 1.43 -14.53 18.92
C SER B 153 0.22 -13.88 19.58
N THR B 154 -0.67 -14.71 20.10
CA THR B 154 -1.91 -14.23 20.71
C THR B 154 -1.69 -13.10 21.70
N GLU B 155 -0.58 -13.16 22.43
CA GLU B 155 -0.28 -12.17 23.47
C GLU B 155 -0.07 -10.78 22.89
N ASP B 156 0.20 -10.70 21.59
CA ASP B 156 0.49 -9.43 20.95
C ASP B 156 -0.79 -8.71 20.53
N SER B 157 -1.92 -9.43 20.51
CA SER B 157 -3.20 -8.78 20.24
C SER B 157 -3.50 -7.78 21.35
N ALA B 158 -3.68 -6.53 20.96
CA ALA B 158 -3.79 -5.46 21.92
C ALA B 158 -4.15 -4.17 21.21
N GLU B 159 -4.37 -3.11 22.00
CA GLU B 159 -4.52 -1.77 21.46
C GLU B 159 -3.18 -1.06 21.49
N TYR B 160 -2.72 -0.57 20.34
CA TYR B 160 -1.43 0.11 20.33
C TYR B 160 -1.67 1.59 20.08
N THR B 161 -0.89 2.43 20.75
CA THR B 161 -1.09 3.87 20.69
C THR B 161 0.20 4.59 20.33
N PHE B 162 0.11 5.56 19.43
CA PHE B 162 1.23 6.48 19.19
C PHE B 162 0.90 7.82 19.82
N VAL B 163 1.83 8.39 20.57
CA VAL B 163 1.62 9.70 21.18
C VAL B 163 2.54 10.70 20.53
N CYS B 164 1.97 11.82 20.10
CA CYS B 164 2.71 12.87 19.43
C CYS B 164 2.30 14.21 20.05
N GLY B 165 3.20 14.81 20.83
CA GLY B 165 2.86 16.01 21.59
C GLY B 165 1.67 15.74 22.49
N ASN B 166 0.61 16.51 22.31
CA ASN B 166 -0.62 16.34 23.06
C ASN B 166 -1.68 15.53 22.30
N ASP B 167 -1.28 14.94 21.18
CA ASP B 167 -2.18 14.24 20.29
C ASP B 167 -1.88 12.75 20.35
N GLN B 168 -2.88 11.90 20.15
CA GLN B 168 -2.62 10.46 20.28
C GLN B 168 -3.41 9.79 19.17
N VAL B 169 -3.01 8.60 18.73
CA VAL B 169 -3.89 7.82 17.85
C VAL B 169 -3.74 6.37 18.28
N SER B 170 -4.83 5.61 18.25
CA SER B 170 -4.79 4.21 18.65
C SER B 170 -5.30 3.28 17.57
N ALA B 171 -4.79 2.05 17.55
CA ALA B 171 -5.33 1.05 16.66
C ALA B 171 -5.10 -0.33 17.26
N THR B 172 -5.84 -1.32 16.75
CA THR B 172 -5.74 -2.66 17.33
C THR B 172 -5.00 -3.64 16.43
N LEU B 173 -4.24 -4.53 17.07
CA LEU B 173 -3.65 -5.68 16.39
C LEU B 173 -4.47 -6.89 16.77
N THR B 174 -4.86 -7.66 15.76
CA THR B 174 -5.51 -8.95 15.96
C THR B 174 -4.62 -10.01 15.35
N VAL B 175 -4.11 -10.93 16.17
CA VAL B 175 -3.27 -12.00 15.69
C VAL B 175 -4.13 -13.21 15.39
N THR B 176 -4.13 -13.65 14.14
CA THR B 176 -5.05 -14.70 13.65
C THR B 176 -4.39 -16.09 13.72
N PRO B 177 -5.16 -17.12 14.12
CA PRO B 177 -4.53 -18.43 14.30
C PRO B 177 -4.24 -19.12 12.98
N ILE B 178 -3.11 -19.80 12.95
CA ILE B 178 -2.80 -20.71 11.86
C ILE B 178 -3.72 -21.93 11.92
N MET B 179 -4.29 -22.32 10.79
CA MET B 179 -5.08 -23.54 10.69
C MET B 179 -4.49 -24.51 9.66
N ILE B 180 -4.54 -25.80 9.96
CA ILE B 180 -4.15 -26.83 9.00
C ILE B 180 -5.36 -27.09 8.14
N THR B 181 -5.26 -26.87 6.83
CA THR B 181 -6.42 -27.06 5.96
C THR B 181 -6.42 -28.44 5.26
N SER B 182 -5.26 -29.10 5.28
CA SER B 182 -5.11 -30.48 4.82
C SER B 182 -4.09 -31.14 5.73
N MET B 183 -4.56 -32.15 6.48
CA MET B 183 -3.78 -32.80 7.53
C MET B 183 -2.82 -33.83 6.96
N LEU B 184 -1.77 -34.15 7.71
CA LEU B 184 -0.83 -35.21 7.36
C LEU B 184 -1.58 -36.52 7.24
N LYS B 185 -1.26 -37.33 6.24
CA LYS B 185 -1.88 -38.63 6.09
C LYS B 185 -0.87 -39.75 6.34
N ASP B 186 -1.33 -40.88 6.87
CA ASP B 186 -0.45 -42.03 7.09
C ASP B 186 0.21 -42.44 5.78
N ILE B 187 1.44 -42.94 5.86
CA ILE B 187 2.13 -43.48 4.71
C ILE B 187 2.49 -44.95 4.93
N ASN B 188 2.19 -45.79 3.93
CA ASN B 188 2.57 -47.20 3.93
C ASN B 188 3.68 -47.44 2.93
N ALA B 189 4.90 -47.52 3.42
CA ALA B 189 6.06 -47.63 2.53
C ALA B 189 6.78 -48.96 2.71
N GLU B 190 7.65 -49.26 1.75
CA GLU B 190 8.54 -50.40 1.82
C GLU B 190 9.97 -49.91 2.01
N GLU B 191 10.82 -50.78 2.59
CA GLU B 191 12.26 -50.56 2.62
C GLU B 191 12.77 -49.89 1.35
N LYS B 192 13.46 -48.77 1.53
CA LYS B 192 14.22 -48.07 0.49
C LYS B 192 13.35 -47.16 -0.39
N ASP B 193 12.07 -47.05 -0.07
CA ASP B 193 11.20 -46.06 -0.72
C ASP B 193 11.60 -44.64 -0.34
N THR B 194 11.35 -43.70 -1.22
CA THR B 194 11.33 -42.29 -0.85
C THR B 194 9.90 -41.89 -0.53
N ILE B 195 9.68 -41.30 0.64
CA ILE B 195 8.32 -40.90 1.04
C ILE B 195 8.22 -39.38 1.20
N THR B 196 7.00 -38.87 1.12
CA THR B 196 6.78 -37.44 1.35
C THR B 196 5.50 -37.18 2.14
N PHE B 197 5.67 -36.69 3.35
CA PHE B 197 4.56 -36.14 4.13
C PHE B 197 4.24 -34.73 3.66
N GLU B 198 2.96 -34.43 3.44
CA GLU B 198 2.54 -33.09 3.02
C GLU B 198 1.43 -32.55 3.91
N VAL B 199 1.53 -31.28 4.29
CA VAL B 199 0.45 -30.57 4.96
C VAL B 199 0.19 -29.24 4.26
N THR B 200 -1.04 -28.74 4.35
CA THR B 200 -1.37 -27.43 3.80
C THR B 200 -1.90 -26.53 4.93
N VAL B 201 -1.51 -25.25 4.94
CA VAL B 201 -1.99 -24.30 5.96
C VAL B 201 -2.77 -23.18 5.32
N ASN B 202 -3.33 -22.28 6.11
CA ASN B 202 -4.16 -21.20 5.56
C ASN B 202 -3.38 -19.95 5.14
N TYR B 203 -2.16 -19.80 5.65
CA TYR B 203 -1.35 -18.60 5.37
C TYR B 203 0.08 -18.94 4.92
N GLU B 204 0.61 -18.13 3.99
CA GLU B 204 2.00 -18.27 3.56
C GLU B 204 2.95 -17.60 4.55
N GLY B 205 4.19 -18.10 4.62
CA GLY B 205 5.22 -17.42 5.39
C GLY B 205 5.18 -17.62 6.89
N ILE B 206 4.50 -18.67 7.35
CA ILE B 206 4.52 -19.00 8.76
C ILE B 206 5.75 -19.79 9.16
N SER B 207 6.06 -19.76 10.46
CA SER B 207 7.14 -20.54 11.06
C SER B 207 6.58 -21.90 11.46
N TYR B 208 7.40 -22.94 11.37
CA TYR B 208 6.93 -24.31 11.66
C TYR B 208 8.07 -25.19 12.12
N LYS B 209 7.73 -26.38 12.63
CA LYS B 209 8.71 -27.37 13.05
C LYS B 209 8.16 -28.72 12.62
N TRP B 210 9.04 -29.63 12.24
CA TRP B 210 8.64 -31.04 12.07
C TRP B 210 9.25 -31.85 13.21
N LEU B 211 8.53 -32.85 13.69
CA LEU B 211 9.00 -33.65 14.80
C LEU B 211 8.91 -35.13 14.47
N LYS B 212 9.84 -35.92 14.99
CA LYS B 212 9.77 -37.38 14.91
C LYS B 212 9.61 -37.96 16.31
N ASN B 213 8.49 -38.64 16.57
CA ASN B 213 8.14 -39.07 17.93
C ASN B 213 8.39 -37.98 18.97
N GLY B 214 7.99 -36.74 18.65
CA GLY B 214 8.13 -35.63 19.60
C GLY B 214 9.46 -34.87 19.54
N VAL B 215 10.48 -35.45 18.93
CA VAL B 215 11.80 -34.81 18.84
C VAL B 215 11.96 -34.09 17.51
N GLU B 216 12.47 -32.86 17.55
CA GLU B 216 12.60 -32.06 16.34
C GLU B 216 13.55 -32.69 15.35
N ILE B 217 13.13 -32.71 14.08
CA ILE B 217 13.95 -33.19 12.98
C ILE B 217 14.82 -32.05 12.45
N LYS B 218 16.05 -32.35 12.08
CA LYS B 218 16.88 -31.36 11.42
C LYS B 218 17.33 -31.86 10.04
N SER B 219 17.19 -30.97 9.05
CA SER B 219 17.60 -31.15 7.66
C SER B 219 18.90 -31.91 7.42
N THR B 220 18.82 -32.88 6.50
CA THR B 220 19.98 -33.61 5.99
C THR B 220 19.70 -33.94 4.53
N ASP B 221 20.66 -34.57 3.86
CA ASP B 221 20.40 -35.11 2.53
C ASP B 221 19.25 -36.12 2.55
N LYS B 222 19.16 -36.88 3.64
CA LYS B 222 18.13 -37.89 3.78
C LYS B 222 16.75 -37.26 4.08
N CYS B 223 16.69 -36.32 5.01
CA CYS B 223 15.42 -35.68 5.39
C CYS B 223 15.39 -34.22 4.96
N GLN B 224 14.49 -33.89 4.05
CA GLN B 224 14.41 -32.53 3.54
C GLN B 224 13.03 -31.93 3.81
N MET B 225 13.02 -30.73 4.38
CA MET B 225 11.77 -30.09 4.73
C MET B 225 11.57 -28.89 3.85
N ARG B 226 10.55 -28.93 2.99
CA ARG B 226 10.39 -27.89 1.98
C ARG B 226 9.00 -27.26 1.97
N THR B 227 8.96 -25.98 1.61
CA THR B 227 7.70 -25.24 1.47
C THR B 227 7.46 -24.84 0.03
N LYS B 228 6.21 -24.96 -0.40
CA LYS B 228 5.77 -24.57 -1.73
C LYS B 228 4.37 -23.97 -1.61
N LYS B 229 4.30 -22.65 -1.58
CA LYS B 229 3.06 -21.90 -1.36
C LYS B 229 2.50 -22.21 0.03
N LEU B 230 1.28 -22.75 0.07
CA LEU B 230 0.64 -23.05 1.35
C LEU B 230 0.95 -24.48 1.82
N THR B 231 1.73 -25.20 1.02
CA THR B 231 2.00 -26.62 1.28
C THR B 231 3.41 -26.86 1.79
N HIS B 232 3.52 -27.58 2.89
CA HIS B 232 4.78 -27.93 3.53
C HIS B 232 4.97 -29.41 3.45
N SER B 233 6.17 -29.84 3.05
CA SER B 233 6.43 -31.25 2.91
C SER B 233 7.67 -31.69 3.66
N LEU B 234 7.71 -32.98 3.99
CA LEU B 234 8.85 -33.60 4.61
C LEU B 234 9.14 -34.81 3.79
N ASN B 235 10.29 -34.78 3.12
CA ASN B 235 10.70 -35.85 2.23
C ASN B 235 11.78 -36.68 2.91
N ILE B 236 11.56 -37.99 3.01
CA ILE B 236 12.56 -38.86 3.61
C ILE B 236 13.01 -39.87 2.56
N ARG B 237 14.32 -39.89 2.28
CA ARG B 237 14.87 -40.80 1.29
C ARG B 237 15.23 -42.16 1.88
N ASN B 238 15.18 -43.19 1.04
CA ASN B 238 15.77 -44.50 1.35
C ASN B 238 15.35 -45.00 2.72
N VAL B 239 14.04 -45.09 2.90
CA VAL B 239 13.43 -45.43 4.17
C VAL B 239 13.90 -46.80 4.71
N HIS B 240 14.19 -46.87 6.01
CA HIS B 240 14.47 -48.13 6.69
C HIS B 240 13.54 -48.27 7.90
N PHE B 241 13.61 -49.40 8.61
CA PHE B 241 12.64 -49.65 9.68
C PHE B 241 12.69 -48.63 10.80
N GLY B 242 13.87 -48.06 11.04
CA GLY B 242 14.02 -47.04 12.05
C GLY B 242 13.37 -45.71 11.68
N ASP B 243 12.92 -45.56 10.44
CA ASP B 243 12.19 -44.35 10.05
C ASP B 243 10.71 -44.50 10.40
N ALA B 244 10.27 -45.73 10.66
CA ALA B 244 8.88 -45.94 11.06
C ALA B 244 8.66 -45.24 12.40
N ALA B 245 7.71 -44.32 12.44
CA ALA B 245 7.49 -43.47 13.60
C ALA B 245 6.28 -42.60 13.35
N ASP B 246 5.90 -41.83 14.36
CA ASP B 246 4.89 -40.80 14.18
C ASP B 246 5.58 -39.47 13.88
N TYR B 247 5.12 -38.80 12.82
CA TYR B 247 5.65 -37.51 12.41
C TYR B 247 4.63 -36.42 12.65
N THR B 248 5.09 -35.29 13.19
CA THR B 248 4.20 -34.21 13.61
C THR B 248 4.65 -32.91 12.96
N PHE B 249 3.71 -32.18 12.36
CA PHE B 249 3.94 -30.81 11.88
C PHE B 249 3.33 -29.85 12.89
N VAL B 250 4.11 -28.86 13.32
CA VAL B 250 3.64 -27.86 14.27
C VAL B 250 3.85 -26.47 13.68
N ALA B 251 2.81 -25.65 13.68
CA ALA B 251 2.95 -24.26 13.27
C ALA B 251 2.09 -23.40 14.16
N GLY B 252 2.71 -22.48 14.90
CA GLY B 252 1.97 -21.69 15.88
C GLY B 252 1.34 -22.66 16.89
N LYS B 253 0.02 -22.63 17.00
CA LYS B 253 -0.65 -23.54 17.94
C LYS B 253 -1.30 -24.70 17.20
N ALA B 254 -1.19 -24.72 15.88
CA ALA B 254 -1.81 -25.74 15.06
C ALA B 254 -0.88 -26.96 14.92
N THR B 255 -1.44 -28.15 14.92
CA THR B 255 -0.63 -29.36 14.98
C THR B 255 -1.27 -30.47 14.16
N SER B 256 -0.46 -31.26 13.47
CA SER B 256 -0.96 -32.43 12.76
C SER B 256 0.03 -33.59 12.87
N THR B 257 -0.46 -34.78 13.20
CA THR B 257 0.38 -35.95 13.34
C THR B 257 -0.08 -37.13 12.44
N ALA B 258 0.87 -37.88 11.89
CA ALA B 258 0.53 -39.10 11.18
C ALA B 258 1.66 -40.09 11.29
N THR B 259 1.42 -41.29 10.81
CA THR B 259 2.32 -42.42 11.02
C THR B 259 2.96 -42.86 9.71
N LEU B 260 4.27 -43.08 9.74
CA LEU B 260 4.97 -43.78 8.67
C LEU B 260 5.06 -45.25 9.02
N TYR B 261 4.47 -46.09 8.18
CA TYR B 261 4.63 -47.55 8.28
C TYR B 261 5.65 -48.01 7.29
N VAL B 262 6.61 -48.83 7.74
CA VAL B 262 7.61 -49.39 6.86
C VAL B 262 7.61 -50.92 6.94
N VAL B 263 7.37 -51.55 5.80
CA VAL B 263 7.20 -52.99 5.72
C VAL B 263 8.25 -53.57 4.78
N GLU B 264 8.45 -54.89 4.84
CA GLU B 264 9.43 -55.56 3.99
C GLU B 264 8.85 -55.84 2.61
#